data_1QH6
#
_entry.id   1QH6
#
_cell.length_a   71.910
_cell.length_b   74.830
_cell.length_c   78.350
_cell.angle_alpha   90.00
_cell.angle_beta   90.00
_cell.angle_gamma   90.00
#
_symmetry.space_group_name_H-M   'P 21 21 21'
#
loop_
_entity.id
_entity.type
_entity.pdbx_description
1 polymer XYLANASE
2 branched beta-D-xylopyranose-(1-4)-2-deoxy-2-fluoro-alpha-D-xylopyranose
3 water water
#
_entity_poly.entity_id   1
_entity_poly.type   'polypeptide(L)'
_entity_poly.pdbx_seq_one_letter_code
;(PCA)IVTDNSIGNHDGYDYEFWKDSGGSGTMILNHGGTFSAQWNNVNNILFRKGKKFNETQTHQQVGNMSINYGANFQP
NGNAYLCVYGWTVDPLVEYYIVDSWGNWRPPGATPKGTITVDGGTYDIYETLRVNQPSIKGIATFKQYWSVRRSKRTSGT
ISVSNHFRAWENLGMNMGKMYEVALTVEGYQSSGSANVYSNTLRINGNPLS
;
_entity_poly.pdbx_strand_id   A,B
#
loop_
_chem_comp.id
_chem_comp.type
_chem_comp.name
_chem_comp.formula
X2F D-saccharide, alpha linking 2-deoxy-2-fluoro-alpha-D-xylopyranose 'C5 H9 F O4'
XYP D-saccharide, beta linking beta-D-xylopyranose 'C5 H10 O5'
#
# COMPACT_ATOMS: atom_id res chain seq x y z
N PCA A 1 22.36 16.03 -18.59
CA PCA A 1 22.79 14.65 -18.41
CB PCA A 1 23.42 14.15 -19.72
CG PCA A 1 23.16 15.28 -20.72
CD PCA A 1 22.79 16.48 -19.79
OE PCA A 1 22.34 17.52 -20.34
C PCA A 1 23.91 14.49 -17.36
O PCA A 1 24.78 13.54 -17.30
N ILE A 2 24.58 15.61 -16.84
CA ILE A 2 25.76 15.88 -15.90
C ILE A 2 25.20 15.96 -14.51
N VAL A 3 25.61 15.02 -13.66
CA VAL A 3 25.04 14.93 -12.32
C VAL A 3 26.18 14.97 -11.30
N THR A 4 26.18 16.01 -10.47
CA THR A 4 27.27 16.19 -9.49
C THR A 4 26.72 16.37 -8.09
N ASP A 5 25.46 16.02 -7.90
CA ASP A 5 24.82 16.08 -6.59
C ASP A 5 23.66 15.10 -6.53
N ASN A 6 23.18 14.76 -5.33
CA ASN A 6 22.11 13.78 -5.21
C ASN A 6 20.99 14.01 -6.21
N SER A 7 20.66 12.98 -6.97
CA SER A 7 19.65 13.06 -7.99
C SER A 7 19.16 11.66 -8.36
N ILE A 8 17.88 11.60 -8.64
CA ILE A 8 17.19 10.38 -9.05
C ILE A 8 16.36 10.68 -10.29
N GLY A 9 16.45 9.84 -11.31
CA GLY A 9 15.60 10.10 -12.48
C GLY A 9 15.67 8.90 -13.41
N ASN A 10 15.21 9.18 -14.62
CA ASN A 10 15.25 8.13 -15.66
C ASN A 10 16.01 8.74 -16.83
N HIS A 11 16.97 8.05 -17.39
CA HIS A 11 17.76 8.56 -18.50
C HIS A 11 17.95 7.43 -19.51
N ASP A 12 17.35 7.67 -20.69
CA ASP A 12 17.40 6.74 -21.80
C ASP A 12 16.90 5.37 -21.42
N GLY A 13 15.83 5.30 -20.68
CA GLY A 13 15.11 4.17 -20.16
C GLY A 13 15.61 3.56 -18.86
N TYR A 14 16.75 3.98 -18.36
CA TYR A 14 17.29 3.42 -17.12
C TYR A 14 17.07 4.33 -15.92
N ASP A 15 16.65 3.79 -14.78
CA ASP A 15 16.54 4.60 -13.58
C ASP A 15 17.96 4.88 -13.08
N TYR A 16 18.38 6.15 -13.13
CA TYR A 16 19.70 6.50 -12.64
C TYR A 16 19.59 7.09 -11.24
N GLU A 17 20.71 7.00 -10.49
CA GLU A 17 20.77 7.65 -9.19
C GLU A 17 22.24 7.95 -8.89
N PHE A 18 22.44 9.10 -8.29
CA PHE A 18 23.67 9.65 -7.78
C PHE A 18 23.35 9.89 -6.29
N TRP A 19 24.13 9.30 -5.40
CA TRP A 19 23.89 9.44 -3.97
C TRP A 19 25.23 9.59 -3.25
N LYS A 20 25.35 10.62 -2.43
CA LYS A 20 26.53 10.79 -1.59
C LYS A 20 26.11 11.46 -0.27
N ASP A 21 26.92 11.23 0.75
CA ASP A 21 26.75 11.98 2.00
C ASP A 21 27.67 13.18 1.84
N SER A 22 27.81 13.98 2.90
CA SER A 22 28.60 15.20 2.86
C SER A 22 30.10 14.96 2.73
N GLY A 23 30.72 15.89 2.02
CA GLY A 23 32.15 15.91 1.81
C GLY A 23 32.59 15.33 0.47
N GLY A 24 33.67 15.89 -0.04
CA GLY A 24 34.24 15.47 -1.31
C GLY A 24 33.30 15.77 -2.45
N SER A 25 33.61 15.15 -3.60
CA SER A 25 32.81 15.45 -4.77
C SER A 25 32.75 14.22 -5.68
N GLY A 26 31.72 14.31 -6.52
CA GLY A 26 31.49 13.28 -7.50
C GLY A 26 30.89 13.90 -8.75
N THR A 27 31.21 13.24 -9.87
CA THR A 27 30.65 13.60 -11.17
C THR A 27 30.22 12.35 -11.91
N MET A 28 28.95 12.34 -12.28
CA MET A 28 28.40 11.21 -13.05
C MET A 28 27.92 11.74 -14.40
N ILE A 29 28.36 11.14 -15.48
CA ILE A 29 27.90 11.56 -16.81
C ILE A 29 26.97 10.46 -17.33
N LEU A 30 25.71 10.79 -17.59
CA LEU A 30 24.76 9.81 -18.08
C LEU A 30 24.94 9.62 -19.59
N ASN A 31 25.36 8.43 -20.00
CA ASN A 31 25.55 8.08 -21.39
C ASN A 31 24.41 7.19 -21.90
N HIS A 32 24.46 6.76 -23.16
CA HIS A 32 23.38 5.99 -23.76
C HIS A 32 22.99 4.72 -23.02
N GLY A 33 21.68 4.44 -23.00
CA GLY A 33 21.17 3.21 -22.41
C GLY A 33 21.53 3.13 -20.94
N GLY A 34 22.09 2.01 -20.50
CA GLY A 34 22.46 1.82 -19.11
C GLY A 34 23.83 2.37 -18.78
N THR A 35 24.52 2.99 -19.77
CA THR A 35 25.87 3.46 -19.54
C THR A 35 25.98 4.83 -18.87
N PHE A 36 27.15 4.98 -18.25
CA PHE A 36 27.51 6.17 -17.52
C PHE A 36 28.98 6.15 -17.14
N SER A 37 29.51 7.34 -16.87
CA SER A 37 30.88 7.39 -16.37
C SER A 37 30.80 8.10 -15.00
N ALA A 38 31.76 7.78 -14.15
CA ALA A 38 31.83 8.31 -12.81
C ALA A 38 33.24 8.67 -12.39
N GLN A 39 33.31 9.69 -11.56
CA GLN A 39 34.60 10.18 -11.03
C GLN A 39 34.32 10.67 -9.61
N TRP A 40 35.17 10.32 -8.65
CA TRP A 40 34.93 10.81 -7.30
C TRP A 40 36.26 11.20 -6.66
N ASN A 41 36.14 12.09 -5.68
CA ASN A 41 37.33 12.61 -5.02
C ASN A 41 37.07 12.99 -3.58
N ASN A 42 37.84 12.36 -2.70
CA ASN A 42 37.78 12.56 -1.25
C ASN A 42 36.42 12.47 -0.63
N VAL A 43 35.62 11.47 -1.03
CA VAL A 43 34.27 11.35 -0.50
C VAL A 43 34.24 10.60 0.83
N ASN A 44 33.11 10.69 1.53
CA ASN A 44 32.90 9.77 2.63
C ASN A 44 32.29 8.51 1.95
N ASN A 45 31.04 8.64 1.53
CA ASN A 45 30.40 7.53 0.78
C ASN A 45 29.71 8.06 -0.47
N ILE A 46 29.95 7.41 -1.60
CA ILE A 46 29.27 7.81 -2.84
C ILE A 46 28.85 6.59 -3.67
N LEU A 47 27.67 6.64 -4.27
CA LEU A 47 27.19 5.60 -5.15
C LEU A 47 26.68 6.21 -6.45
N PHE A 48 27.00 5.59 -7.57
CA PHE A 48 26.52 5.92 -8.90
C PHE A 48 25.82 4.72 -9.52
N ARG A 49 24.65 4.80 -10.12
CA ARG A 49 24.07 3.56 -10.66
C ARG A 49 23.04 3.75 -11.75
N LYS A 50 22.84 2.77 -12.61
CA LYS A 50 21.79 2.80 -13.61
C LYS A 50 21.21 1.38 -13.73
N GLY A 51 19.90 1.34 -13.49
CA GLY A 51 19.18 0.08 -13.51
C GLY A 51 17.68 0.31 -13.61
N LYS A 52 16.98 -0.47 -12.81
CA LYS A 52 15.53 -0.38 -12.74
C LYS A 52 15.03 -0.18 -11.31
N LYS A 53 14.16 0.80 -11.13
CA LYS A 53 13.47 0.94 -9.84
C LYS A 53 12.07 0.36 -10.02
N PHE A 54 11.56 -0.35 -9.05
CA PHE A 54 10.27 -1.02 -9.09
C PHE A 54 9.28 -0.37 -8.14
N ASN A 55 7.99 -0.74 -8.28
CA ASN A 55 6.97 -0.13 -7.46
C ASN A 55 6.64 -0.82 -6.16
N GLU A 56 7.54 -1.67 -5.66
CA GLU A 56 7.39 -2.31 -4.38
C GLU A 56 6.18 -3.22 -4.24
N THR A 57 5.74 -3.89 -5.29
CA THR A 57 4.59 -4.77 -5.19
C THR A 57 4.93 -6.21 -5.52
N GLN A 58 6.13 -6.47 -6.02
CA GLN A 58 6.43 -7.83 -6.45
C GLN A 58 7.69 -8.42 -5.82
N THR A 59 7.64 -9.72 -5.61
CA THR A 59 8.81 -10.45 -5.17
C THR A 59 9.74 -10.51 -6.39
N HIS A 60 10.99 -10.92 -6.17
CA HIS A 60 11.89 -11.06 -7.33
C HIS A 60 11.36 -12.13 -8.27
N GLN A 61 10.74 -13.20 -7.77
CA GLN A 61 10.15 -14.22 -8.65
C GLN A 61 9.07 -13.67 -9.54
N GLN A 62 8.20 -12.79 -9.04
CA GLN A 62 7.16 -12.11 -9.74
C GLN A 62 7.69 -11.16 -10.80
N VAL A 63 8.77 -10.43 -10.50
CA VAL A 63 9.41 -9.57 -11.50
C VAL A 63 9.84 -10.48 -12.65
N GLY A 64 10.53 -11.56 -12.30
CA GLY A 64 11.03 -12.54 -13.23
C GLY A 64 12.56 -12.59 -13.10
N ASN A 65 13.10 -13.32 -14.05
CA ASN A 65 14.54 -13.50 -14.16
C ASN A 65 15.23 -12.18 -14.47
N MET A 66 16.22 -11.82 -13.67
CA MET A 66 17.00 -10.62 -13.86
C MET A 66 18.45 -11.02 -14.12
N SER A 67 18.96 -10.45 -15.21
CA SER A 67 20.30 -10.70 -15.67
C SER A 67 20.90 -9.41 -16.23
N ILE A 68 22.14 -9.17 -15.80
CA ILE A 68 22.83 -7.97 -16.26
C ILE A 68 24.12 -8.31 -16.98
N ASN A 69 24.26 -7.81 -18.22
CA ASN A 69 25.48 -7.96 -19.01
C ASN A 69 26.15 -6.58 -18.93
N TYR A 70 27.41 -6.58 -18.50
CA TYR A 70 28.09 -5.30 -18.31
C TYR A 70 29.56 -5.39 -18.68
N GLY A 71 30.12 -4.19 -18.72
CA GLY A 71 31.54 -4.00 -18.91
C GLY A 71 31.89 -2.64 -18.30
N ALA A 72 32.97 -2.62 -17.54
CA ALA A 72 33.39 -1.33 -16.97
C ALA A 72 34.90 -1.26 -16.83
N ASN A 73 35.41 -0.06 -17.06
CA ASN A 73 36.81 0.27 -16.88
C ASN A 73 36.84 0.84 -15.45
N PHE A 74 37.30 0.03 -14.50
CA PHE A 74 37.17 0.41 -13.09
C PHE A 74 38.53 0.75 -12.51
N GLN A 75 38.65 2.03 -12.11
CA GLN A 75 39.91 2.55 -11.60
C GLN A 75 39.80 3.27 -10.27
N PRO A 76 39.63 2.48 -9.22
CA PRO A 76 39.55 3.04 -7.89
C PRO A 76 40.95 3.33 -7.38
N ASN A 77 41.02 4.35 -6.54
CA ASN A 77 42.25 4.70 -5.83
C ASN A 77 41.86 4.54 -4.35
N GLY A 78 41.82 3.30 -3.89
CA GLY A 78 41.35 3.01 -2.55
C GLY A 78 40.09 2.15 -2.62
N ASN A 79 39.28 2.31 -1.59
CA ASN A 79 38.07 1.54 -1.38
C ASN A 79 36.93 1.87 -2.32
N ALA A 80 36.52 0.84 -3.07
CA ALA A 80 35.40 1.01 -4.00
C ALA A 80 34.90 -0.35 -4.42
N TYR A 81 33.66 -0.43 -4.84
CA TYR A 81 33.09 -1.66 -5.35
C TYR A 81 32.44 -1.46 -6.74
N LEU A 82 32.59 -2.48 -7.58
CA LEU A 82 31.90 -2.59 -8.86
C LEU A 82 30.91 -3.75 -8.67
N CYS A 83 29.63 -3.43 -8.74
CA CYS A 83 28.63 -4.44 -8.41
C CYS A 83 27.27 -4.24 -9.00
N VAL A 84 26.43 -5.24 -8.74
CA VAL A 84 24.99 -5.11 -8.97
C VAL A 84 24.48 -4.84 -7.53
N TYR A 85 23.64 -3.86 -7.41
CA TYR A 85 23.13 -3.39 -6.13
C TYR A 85 21.65 -3.06 -6.23
N GLY A 86 21.00 -3.08 -5.08
CA GLY A 86 19.61 -2.69 -5.00
C GLY A 86 19.06 -2.88 -3.59
N TRP A 87 17.73 -2.85 -3.51
CA TRP A 87 16.98 -2.96 -2.28
C TRP A 87 15.69 -3.76 -2.46
N THR A 88 15.23 -4.34 -1.36
CA THR A 88 13.90 -4.86 -1.21
C THR A 88 13.27 -4.06 -0.04
N VAL A 89 11.94 -4.12 0.06
CA VAL A 89 11.18 -3.53 1.14
C VAL A 89 10.24 -4.60 1.71
N ASP A 90 10.02 -4.47 3.01
CA ASP A 90 9.21 -5.42 3.81
C ASP A 90 9.64 -6.86 3.65
N PRO A 91 10.87 -7.19 4.07
CA PRO A 91 11.77 -6.33 4.76
C PRO A 91 12.73 -5.47 3.96
N LEU A 92 13.08 -4.35 4.53
CA LEU A 92 14.05 -3.41 4.01
C LEU A 92 15.42 -4.08 4.05
N VAL A 93 15.96 -4.35 2.86
CA VAL A 93 17.25 -4.98 2.69
C VAL A 93 18.02 -4.28 1.56
N GLU A 94 19.31 -4.05 1.74
CA GLU A 94 20.17 -3.44 0.74
C GLU A 94 21.05 -4.61 0.26
N TYR A 95 21.28 -4.78 -1.03
CA TYR A 95 22.07 -5.94 -1.43
C TYR A 95 23.13 -5.61 -2.45
N TYR A 96 24.14 -6.49 -2.46
CA TYR A 96 25.30 -6.34 -3.35
C TYR A 96 25.73 -7.66 -3.98
N ILE A 97 26.11 -7.62 -5.24
CA ILE A 97 26.70 -8.73 -5.99
C ILE A 97 28.00 -8.10 -6.55
N VAL A 98 29.09 -8.34 -5.84
CA VAL A 98 30.36 -7.67 -6.08
C VAL A 98 31.30 -8.43 -6.98
N ASP A 99 31.60 -7.89 -8.14
CA ASP A 99 32.52 -8.50 -9.08
C ASP A 99 33.94 -7.94 -9.03
N SER A 100 34.10 -6.70 -8.56
CA SER A 100 35.41 -6.14 -8.39
C SER A 100 35.41 -5.11 -7.26
N TRP A 101 36.60 -4.82 -6.74
CA TRP A 101 36.74 -3.89 -5.62
C TRP A 101 38.11 -3.24 -5.70
N GLY A 102 38.39 -2.29 -4.82
CA GLY A 102 39.68 -1.63 -4.84
C GLY A 102 40.67 -2.34 -3.94
N ASN A 103 41.17 -1.65 -2.91
CA ASN A 103 42.19 -2.23 -2.03
C ASN A 103 41.59 -3.14 -0.97
N TRP A 104 40.28 -3.21 -0.82
CA TRP A 104 39.70 -4.03 0.23
C TRP A 104 38.52 -4.86 -0.24
N ARG A 105 38.62 -6.16 -0.02
CA ARG A 105 37.55 -7.09 -0.43
C ARG A 105 36.48 -7.05 0.65
N PRO A 106 35.28 -6.61 0.29
CA PRO A 106 34.20 -6.53 1.27
C PRO A 106 33.64 -7.88 1.61
N PRO A 107 32.85 -7.99 2.66
CA PRO A 107 32.47 -6.89 3.53
C PRO A 107 33.01 -6.94 4.96
N GLY A 108 33.99 -7.77 5.24
CA GLY A 108 34.68 -7.88 6.49
C GLY A 108 34.00 -8.80 7.49
N ALA A 109 33.15 -9.71 7.05
CA ALA A 109 32.37 -10.56 7.92
C ALA A 109 32.70 -12.01 7.63
N THR A 110 32.21 -12.92 8.46
CA THR A 110 32.35 -14.36 8.23
C THR A 110 31.36 -14.84 7.20
N PRO A 111 31.79 -15.57 6.19
CA PRO A 111 30.88 -16.04 5.16
C PRO A 111 29.80 -16.96 5.69
N LYS A 112 28.63 -16.90 5.07
CA LYS A 112 27.50 -17.73 5.41
C LYS A 112 27.38 -18.90 4.43
N GLY A 113 28.07 -18.83 3.31
CA GLY A 113 27.99 -19.89 2.31
C GLY A 113 28.68 -19.41 1.06
N THR A 114 28.51 -20.13 -0.05
CA THR A 114 29.09 -19.81 -1.31
C THR A 114 28.10 -20.20 -2.42
N ILE A 115 28.21 -19.44 -3.51
CA ILE A 115 27.43 -19.67 -4.69
C ILE A 115 28.38 -19.73 -5.88
N THR A 116 28.21 -20.76 -6.71
CA THR A 116 28.91 -20.83 -7.98
C THR A 116 27.91 -20.45 -9.08
N VAL A 117 28.30 -19.43 -9.84
CA VAL A 117 27.47 -18.92 -10.91
C VAL A 117 28.32 -18.05 -11.82
N ASP A 118 27.92 -17.95 -13.06
CA ASP A 118 28.54 -17.08 -14.05
C ASP A 118 30.03 -17.27 -14.19
N GLY A 119 30.47 -18.51 -14.05
CA GLY A 119 31.89 -18.84 -14.16
C GLY A 119 32.70 -18.43 -12.96
N GLY A 120 32.10 -17.94 -11.88
CA GLY A 120 32.87 -17.57 -10.70
C GLY A 120 32.37 -18.28 -9.44
N THR A 121 33.05 -17.99 -8.34
CA THR A 121 32.71 -18.48 -7.02
C THR A 121 32.58 -17.26 -6.09
N TYR A 122 31.42 -17.11 -5.51
CA TYR A 122 31.17 -15.99 -4.59
C TYR A 122 30.90 -16.46 -3.17
N ASP A 123 31.50 -15.71 -2.25
CA ASP A 123 31.27 -15.93 -0.83
C ASP A 123 30.01 -15.11 -0.51
N ILE A 124 29.15 -15.70 0.33
CA ILE A 124 27.90 -15.02 0.68
C ILE A 124 27.95 -14.50 2.11
N TYR A 125 27.52 -13.27 2.34
CA TYR A 125 27.58 -12.66 3.66
C TYR A 125 26.30 -11.88 4.00
N GLU A 126 26.11 -11.65 5.28
CA GLU A 126 25.00 -10.85 5.79
C GLU A 126 25.53 -9.89 6.83
N THR A 127 25.33 -8.58 6.68
CA THR A 127 25.86 -7.63 7.65
C THR A 127 24.70 -6.72 8.05
N LEU A 128 24.92 -5.86 9.02
CA LEU A 128 23.85 -5.01 9.56
C LEU A 128 24.24 -3.54 9.55
N ARG A 129 23.34 -2.69 9.12
CA ARG A 129 23.54 -1.24 9.13
C ARG A 129 22.60 -0.69 10.22
N VAL A 130 23.14 0.06 11.16
CA VAL A 130 22.38 0.57 12.31
C VAL A 130 22.17 2.07 12.22
N ASN A 131 20.91 2.50 12.10
CA ASN A 131 20.58 3.92 11.98
C ASN A 131 21.38 4.62 10.90
N GLN A 132 21.38 4.09 9.67
CA GLN A 132 22.11 4.66 8.55
C GLN A 132 21.14 5.10 7.46
N PRO A 133 21.62 5.86 6.50
CA PRO A 133 20.79 6.31 5.40
C PRO A 133 20.24 5.11 4.63
N SER A 134 19.05 5.28 4.10
CA SER A 134 18.40 4.23 3.35
C SER A 134 17.44 4.89 2.36
N ILE A 135 16.86 4.08 1.48
CA ILE A 135 15.83 4.54 0.56
C ILE A 135 14.56 4.93 1.34
N LYS A 136 14.43 4.54 2.60
CA LYS A 136 13.27 4.83 3.41
C LYS A 136 13.65 5.60 4.67
N GLY A 137 14.65 6.46 4.65
CA GLY A 137 15.11 7.20 5.79
C GLY A 137 16.12 6.46 6.67
N ILE A 138 16.51 7.14 7.74
CA ILE A 138 17.49 6.58 8.70
C ILE A 138 16.87 5.30 9.24
N ALA A 139 17.55 4.20 8.95
CA ALA A 139 17.02 2.90 9.31
C ALA A 139 18.07 1.89 9.71
N THR A 140 17.61 0.84 10.31
CA THR A 140 18.46 -0.29 10.68
C THR A 140 18.04 -1.41 9.75
N PHE A 141 18.99 -1.94 8.97
CA PHE A 141 18.59 -2.95 7.98
C PHE A 141 19.77 -3.86 7.69
N LYS A 142 19.48 -4.99 7.10
CA LYS A 142 20.52 -5.92 6.73
C LYS A 142 21.06 -5.55 5.35
N GLN A 143 22.29 -5.99 5.13
CA GLN A 143 22.93 -5.89 3.83
C GLN A 143 23.20 -7.32 3.40
N TYR A 144 22.80 -7.73 2.21
CA TYR A 144 23.12 -9.09 1.74
C TYR A 144 24.18 -8.97 0.65
N TRP A 145 25.16 -9.85 0.66
CA TRP A 145 26.27 -9.85 -0.25
C TRP A 145 26.58 -11.21 -0.89
N SER A 146 26.98 -11.14 -2.14
CA SER A 146 27.72 -12.15 -2.87
C SER A 146 29.01 -11.47 -3.33
N VAL A 147 30.20 -11.93 -2.96
CA VAL A 147 31.44 -11.28 -3.34
C VAL A 147 32.32 -12.27 -4.10
N ARG A 148 32.67 -11.97 -5.33
CA ARG A 148 33.46 -12.88 -6.15
C ARG A 148 34.81 -13.15 -5.51
N ARG A 149 35.37 -14.34 -5.72
CA ARG A 149 36.66 -14.62 -5.09
C ARG A 149 37.81 -13.99 -5.87
N SER A 150 37.63 -13.69 -7.14
CA SER A 150 38.66 -13.00 -7.91
C SER A 150 37.96 -11.89 -8.67
N LYS A 151 38.63 -10.79 -8.91
CA LYS A 151 38.00 -9.64 -9.55
C LYS A 151 37.74 -9.84 -11.04
N ARG A 152 36.67 -9.21 -11.52
CA ARG A 152 36.46 -9.16 -12.96
C ARG A 152 35.65 -7.88 -13.19
N THR A 153 35.82 -7.28 -14.36
CA THR A 153 35.11 -6.04 -14.66
C THR A 153 34.28 -6.07 -15.92
N SER A 154 33.92 -7.25 -16.40
CA SER A 154 32.98 -7.39 -17.49
C SER A 154 32.39 -8.80 -17.44
N GLY A 155 31.20 -8.98 -17.96
CA GLY A 155 30.59 -10.32 -18.01
C GLY A 155 29.08 -10.23 -17.76
N THR A 156 28.53 -11.38 -17.39
CA THR A 156 27.11 -11.45 -17.06
C THR A 156 26.92 -11.85 -15.61
N ILE A 157 26.03 -11.15 -14.93
CA ILE A 157 25.64 -11.47 -13.56
C ILE A 157 24.19 -11.97 -13.55
N SER A 158 23.97 -13.23 -13.28
CA SER A 158 22.61 -13.82 -13.22
C SER A 158 22.06 -13.45 -11.85
N VAL A 159 21.52 -12.24 -11.71
CA VAL A 159 21.07 -11.73 -10.43
C VAL A 159 20.15 -12.64 -9.68
N SER A 160 19.13 -13.18 -10.37
CA SER A 160 18.16 -14.05 -9.72
C SER A 160 18.76 -15.30 -9.13
N ASN A 161 19.88 -15.80 -9.66
CA ASN A 161 20.52 -16.98 -9.06
C ASN A 161 21.03 -16.61 -7.68
N HIS A 162 21.63 -15.43 -7.55
CA HIS A 162 22.07 -14.96 -6.26
C HIS A 162 20.89 -14.86 -5.28
N PHE A 163 19.78 -14.27 -5.70
CA PHE A 163 18.63 -14.16 -4.81
C PHE A 163 18.19 -15.52 -4.29
N ARG A 164 18.15 -16.53 -5.17
CA ARG A 164 17.71 -17.87 -4.74
C ARG A 164 18.69 -18.43 -3.75
N ALA A 165 20.00 -18.21 -3.94
CA ALA A 165 21.00 -18.71 -2.98
C ALA A 165 20.80 -18.04 -1.61
N TRP A 166 20.60 -16.73 -1.63
CA TRP A 166 20.36 -15.99 -0.39
C TRP A 166 19.12 -16.54 0.32
N GLU A 167 18.02 -16.64 -0.40
CA GLU A 167 16.78 -17.19 0.21
C GLU A 167 17.00 -18.61 0.72
N ASN A 168 17.78 -19.40 0.00
CA ASN A 168 18.13 -20.73 0.41
C ASN A 168 18.83 -20.70 1.77
N LEU A 169 19.71 -19.73 2.01
CA LEU A 169 20.40 -19.57 3.26
C LEU A 169 19.56 -18.89 4.32
N GLY A 170 18.30 -18.54 4.04
CA GLY A 170 17.45 -17.93 5.06
C GLY A 170 17.58 -16.41 5.10
N MET A 171 18.21 -15.84 4.09
CA MET A 171 18.35 -14.38 4.00
C MET A 171 17.08 -13.89 3.31
N ASN A 172 16.07 -13.54 4.10
CA ASN A 172 14.75 -13.13 3.61
C ASN A 172 14.73 -11.89 2.74
N MET A 173 14.01 -11.98 1.63
CA MET A 173 13.87 -10.88 0.70
C MET A 173 12.43 -10.34 0.67
N GLY A 174 12.34 -9.02 0.50
CA GLY A 174 10.98 -8.44 0.44
C GLY A 174 10.60 -8.21 -1.02
N LYS A 175 9.75 -7.22 -1.21
CA LYS A 175 9.32 -6.82 -2.54
C LYS A 175 10.42 -5.97 -3.17
N MET A 176 10.61 -6.14 -4.46
CA MET A 176 11.62 -5.42 -5.18
C MET A 176 11.40 -3.92 -5.21
N TYR A 177 12.47 -3.20 -4.88
CA TYR A 177 12.56 -1.76 -4.98
C TYR A 177 13.54 -1.40 -6.09
N GLU A 178 14.67 -2.06 -6.23
CA GLU A 178 15.64 -1.73 -7.28
C GLU A 178 16.65 -2.83 -7.59
N VAL A 179 17.17 -2.87 -8.80
CA VAL A 179 18.29 -3.67 -9.24
C VAL A 179 19.15 -2.79 -10.18
N ALA A 180 20.45 -2.64 -9.96
CA ALA A 180 21.25 -1.73 -10.76
C ALA A 180 22.74 -1.99 -10.69
N LEU A 181 23.39 -1.78 -11.81
CA LEU A 181 24.83 -1.84 -11.98
C LEU A 181 25.28 -0.56 -11.32
N THR A 182 26.16 -0.78 -10.33
CA THR A 182 26.56 0.29 -9.46
C THR A 182 28.05 0.40 -9.25
N VAL A 183 28.54 1.62 -9.05
CA VAL A 183 29.92 1.89 -8.63
C VAL A 183 29.77 2.56 -7.24
N GLU A 184 30.42 2.02 -6.21
CA GLU A 184 30.38 2.63 -4.89
C GLU A 184 31.83 2.99 -4.50
N GLY A 185 32.00 4.15 -3.89
CA GLY A 185 33.30 4.53 -3.33
C GLY A 185 33.12 4.85 -1.84
N TYR A 186 34.19 4.60 -1.09
CA TYR A 186 34.22 4.87 0.33
C TYR A 186 35.57 5.42 0.79
N GLN A 187 35.56 6.65 1.30
CA GLN A 187 36.78 7.26 1.83
C GLN A 187 37.94 7.02 0.86
N SER A 188 37.71 7.49 -0.38
CA SER A 188 38.58 7.30 -1.49
C SER A 188 38.20 8.24 -2.63
N SER A 189 38.96 8.07 -3.70
CA SER A 189 38.87 8.78 -4.95
C SER A 189 39.02 7.74 -6.06
N GLY A 190 38.57 8.08 -7.26
CA GLY A 190 38.73 7.18 -8.38
C GLY A 190 37.83 7.54 -9.55
N SER A 191 37.79 6.59 -10.48
CA SER A 191 36.92 6.75 -11.63
C SER A 191 36.49 5.38 -12.15
N ALA A 192 35.43 5.44 -12.92
CA ALA A 192 34.91 4.25 -13.58
C ALA A 192 34.16 4.64 -14.85
N ASN A 193 34.42 3.88 -15.92
CA ASN A 193 33.70 4.06 -17.16
C ASN A 193 32.84 2.83 -17.40
N VAL A 194 31.54 2.95 -17.18
CA VAL A 194 30.61 1.84 -17.43
C VAL A 194 30.20 1.98 -18.89
N TYR A 195 30.87 1.24 -19.76
CA TYR A 195 30.68 1.32 -21.19
C TYR A 195 29.66 0.30 -21.71
N SER A 196 29.25 -0.62 -20.84
CA SER A 196 28.26 -1.61 -21.17
C SER A 196 27.45 -1.99 -19.93
N ASN A 197 26.12 -1.95 -20.08
CA ASN A 197 25.19 -2.21 -19.00
C ASN A 197 23.78 -2.42 -19.53
N THR A 198 23.41 -3.67 -19.69
CA THR A 198 22.08 -4.05 -20.14
C THR A 198 21.41 -4.98 -19.14
N LEU A 199 20.29 -4.49 -18.62
CA LEU A 199 19.50 -5.26 -17.71
C LEU A 199 18.40 -5.99 -18.52
N ARG A 200 18.36 -7.28 -18.43
CA ARG A 200 17.31 -8.07 -19.05
C ARG A 200 16.39 -8.69 -17.98
N ILE A 201 15.08 -8.49 -18.22
CA ILE A 201 14.11 -9.09 -17.28
C ILE A 201 13.29 -10.10 -18.08
N ASN A 202 13.42 -11.37 -17.77
CA ASN A 202 12.77 -12.42 -18.58
C ASN A 202 13.32 -12.38 -20.01
N GLY A 203 14.63 -12.18 -20.12
CA GLY A 203 15.36 -12.15 -21.36
C GLY A 203 15.24 -10.91 -22.21
N ASN A 204 14.43 -9.97 -21.87
CA ASN A 204 14.11 -8.73 -22.53
C ASN A 204 14.80 -7.50 -21.92
N PRO A 205 15.64 -6.85 -22.73
CA PRO A 205 16.38 -5.68 -22.31
C PRO A 205 15.47 -4.53 -21.90
N LEU A 206 15.92 -3.73 -20.94
CA LEU A 206 15.18 -2.55 -20.51
C LEU A 206 15.10 -1.53 -21.64
N SER A 207 14.04 -0.74 -21.66
CA SER A 207 13.85 0.33 -22.65
C SER A 207 12.82 1.34 -22.14
N PCA B 1 -27.75 20.99 -5.73
CA PCA B 1 -27.91 19.67 -5.11
CB PCA B 1 -27.86 18.66 -6.29
CG PCA B 1 -26.79 19.33 -7.20
CD PCA B 1 -27.06 20.84 -6.88
OE PCA B 1 -26.54 21.81 -7.44
C PCA B 1 -26.75 19.35 -4.16
O PCA B 1 -26.37 18.20 -3.77
N ILE B 2 -25.94 20.31 -3.59
CA ILE B 2 -24.71 20.49 -2.70
C ILE B 2 -25.17 20.68 -1.27
N VAL B 3 -24.83 19.70 -0.44
CA VAL B 3 -25.20 19.66 0.96
C VAL B 3 -23.91 19.78 1.75
N THR B 4 -23.84 20.77 2.66
CA THR B 4 -22.57 21.06 3.34
C THR B 4 -22.59 21.12 4.85
N ASP B 5 -23.69 20.91 5.51
CA ASP B 5 -23.78 20.89 6.96
C ASP B 5 -24.99 20.03 7.36
N ASN B 6 -25.06 19.74 8.65
CA ASN B 6 -26.04 18.81 9.17
C ASN B 6 -27.42 19.08 8.63
N SER B 7 -27.90 18.04 7.94
CA SER B 7 -29.22 18.19 7.30
C SER B 7 -29.80 16.86 6.85
N ILE B 8 -31.13 16.85 6.80
CA ILE B 8 -31.83 15.68 6.29
C ILE B 8 -32.79 16.17 5.21
N GLY B 9 -33.18 15.28 4.31
CA GLY B 9 -34.13 15.64 3.28
C GLY B 9 -34.53 14.36 2.52
N ASN B 10 -35.31 14.59 1.47
CA ASN B 10 -35.71 13.46 0.59
C ASN B 10 -35.36 13.91 -0.82
N HIS B 11 -34.57 13.13 -1.52
CA HIS B 11 -34.16 13.51 -2.87
C HIS B 11 -34.43 12.34 -3.79
N ASP B 12 -35.26 12.54 -4.80
CA ASP B 12 -35.67 11.48 -5.71
C ASP B 12 -36.18 10.20 -5.03
N GLY B 13 -36.96 10.28 -3.98
CA GLY B 13 -37.53 9.17 -3.27
C GLY B 13 -36.64 8.67 -2.13
N TYR B 14 -35.36 9.09 -2.14
CA TYR B 14 -34.43 8.65 -1.13
C TYR B 14 -34.28 9.65 0.01
N ASP B 15 -34.34 9.16 1.24
CA ASP B 15 -34.05 9.97 2.41
C ASP B 15 -32.53 10.12 2.49
N TYR B 16 -32.06 11.36 2.42
CA TYR B 16 -30.64 11.63 2.50
C TYR B 16 -30.33 12.33 3.81
N GLU B 17 -29.08 12.17 4.25
CA GLU B 17 -28.61 12.83 5.44
C GLU B 17 -27.11 13.05 5.32
N PHE B 18 -26.74 14.20 5.82
CA PHE B 18 -25.37 14.65 6.00
C PHE B 18 -25.19 14.82 7.50
N TRP B 19 -24.21 14.21 8.12
CA TRP B 19 -23.96 14.44 9.53
C TRP B 19 -22.47 14.49 9.82
N LYS B 20 -22.03 15.46 10.59
CA LYS B 20 -20.66 15.55 11.03
C LYS B 20 -20.62 16.20 12.42
N ASP B 21 -19.56 15.94 13.16
CA ASP B 21 -19.35 16.69 14.40
C ASP B 21 -18.48 17.89 13.99
N SER B 22 -18.08 18.74 14.92
CA SER B 22 -17.34 19.94 14.47
C SER B 22 -15.94 19.56 14.04
N GLY B 23 -15.33 20.33 13.16
CA GLY B 23 -13.99 20.02 12.67
C GLY B 23 -13.99 19.63 11.21
N GLY B 24 -13.09 20.24 10.45
CA GLY B 24 -12.95 20.01 9.02
C GLY B 24 -14.24 20.32 8.26
N SER B 25 -14.33 19.78 7.04
CA SER B 25 -15.47 20.02 6.19
C SER B 25 -15.85 18.80 5.37
N GLY B 26 -17.06 18.89 4.82
CA GLY B 26 -17.59 17.90 3.92
C GLY B 26 -18.56 18.49 2.91
N THR B 27 -18.65 17.87 1.73
CA THR B 27 -19.57 18.33 0.71
C THR B 27 -20.16 17.10 0.02
N MET B 28 -21.50 17.05 0.05
CA MET B 28 -22.18 15.92 -0.53
C MET B 28 -22.96 16.38 -1.75
N ILE B 29 -22.88 15.64 -2.84
CA ILE B 29 -23.66 16.04 -4.03
C ILE B 29 -24.81 15.06 -4.21
N LEU B 30 -26.02 15.52 -4.29
CA LEU B 30 -27.15 14.61 -4.52
C LEU B 30 -27.34 14.34 -6.00
N ASN B 31 -27.32 13.08 -6.40
CA ASN B 31 -27.47 12.66 -7.78
C ASN B 31 -28.72 11.81 -7.92
N HIS B 32 -29.02 11.37 -9.13
CA HIS B 32 -30.28 10.68 -9.39
C HIS B 32 -30.51 9.46 -8.51
N GLY B 33 -31.77 9.28 -8.17
CA GLY B 33 -32.23 8.15 -7.39
C GLY B 33 -31.52 8.05 -6.06
N GLY B 34 -30.95 6.89 -5.75
CA GLY B 34 -30.20 6.71 -4.53
C GLY B 34 -28.76 7.13 -4.58
N THR B 35 -28.31 7.71 -5.67
CA THR B 35 -26.91 8.06 -5.89
C THR B 35 -26.48 9.42 -5.34
N PHE B 36 -25.18 9.50 -5.08
CA PHE B 36 -24.58 10.70 -4.48
C PHE B 36 -23.07 10.53 -4.50
N SER B 37 -22.38 11.67 -4.38
CA SER B 37 -20.93 11.65 -4.24
C SER B 37 -20.58 12.52 -3.02
N ALA B 38 -19.39 12.32 -2.51
CA ALA B 38 -18.99 13.04 -1.32
C ALA B 38 -17.49 13.28 -1.30
N GLN B 39 -17.16 14.31 -0.56
CA GLN B 39 -15.76 14.66 -0.34
C GLN B 39 -15.65 15.14 1.10
N TRP B 40 -14.60 14.72 1.79
CA TRP B 40 -14.46 15.18 3.17
C TRP B 40 -13.01 15.55 3.43
N ASN B 41 -12.82 16.55 4.27
CA ASN B 41 -11.47 17.07 4.52
C ASN B 41 -11.23 17.35 5.99
N ASN B 42 -10.24 16.64 6.52
CA ASN B 42 -9.74 16.67 7.87
C ASN B 42 -10.87 16.66 8.90
N VAL B 43 -11.82 15.73 8.76
CA VAL B 43 -12.91 15.72 9.72
C VAL B 43 -12.54 14.92 10.97
N ASN B 44 -13.37 15.06 11.99
CA ASN B 44 -13.37 14.17 13.15
C ASN B 44 -14.25 13.00 12.71
N ASN B 45 -15.57 13.18 12.62
CA ASN B 45 -16.42 12.09 12.13
C ASN B 45 -17.47 12.65 11.17
N ILE B 46 -17.61 11.98 10.02
CA ILE B 46 -18.60 12.41 9.03
C ILE B 46 -19.30 11.23 8.37
N LEU B 47 -20.60 11.40 8.14
CA LEU B 47 -21.39 10.39 7.47
C LEU B 47 -22.23 11.02 6.36
N PHE B 48 -22.21 10.34 5.20
CA PHE B 48 -23.06 10.71 4.06
C PHE B 48 -23.94 9.51 3.66
N ARG B 49 -25.24 9.67 3.49
CA ARG B 49 -26.04 8.50 3.14
C ARG B 49 -27.31 8.86 2.39
N LYS B 50 -27.82 7.85 1.69
CA LYS B 50 -29.13 7.91 1.06
C LYS B 50 -29.76 6.52 1.22
N GLY B 51 -30.99 6.50 1.68
CA GLY B 51 -31.70 5.23 1.87
C GLY B 51 -33.17 5.53 2.20
N LYS B 52 -33.67 4.85 3.21
CA LYS B 52 -35.03 5.05 3.67
C LYS B 52 -35.08 5.28 5.16
N LYS B 53 -35.81 6.30 5.60
CA LYS B 53 -36.08 6.49 7.01
C LYS B 53 -37.53 5.99 7.24
N PHE B 54 -37.76 5.37 8.37
CA PHE B 54 -39.03 4.78 8.74
C PHE B 54 -39.65 5.47 9.95
N ASN B 55 -40.93 5.18 10.21
CA ASN B 55 -41.64 5.83 11.29
C ASN B 55 -41.59 5.16 12.65
N GLU B 56 -40.61 4.29 12.86
CA GLU B 56 -40.37 3.60 14.11
C GLU B 56 -41.55 2.79 14.64
N THR B 57 -42.33 2.19 13.76
CA THR B 57 -43.46 1.37 14.20
C THR B 57 -43.27 -0.09 13.82
N GLN B 58 -42.32 -0.38 12.92
CA GLN B 58 -42.19 -1.72 12.37
C GLN B 58 -40.87 -2.41 12.60
N THR B 59 -40.97 -3.70 12.95
CA THR B 59 -39.76 -4.50 13.11
C THR B 59 -39.21 -4.68 11.70
N HIS B 60 -37.99 -5.18 11.51
CA HIS B 60 -37.49 -5.40 10.16
C HIS B 60 -38.35 -6.45 9.45
N GLN B 61 -38.83 -7.45 10.19
CA GLN B 61 -39.71 -8.44 9.58
C GLN B 61 -40.99 -7.81 9.06
N GLN B 62 -41.55 -6.85 9.77
CA GLN B 62 -42.77 -6.21 9.27
C GLN B 62 -42.53 -5.35 8.05
N VAL B 63 -41.36 -4.66 8.07
CA VAL B 63 -41.00 -3.83 6.93
C VAL B 63 -40.96 -4.76 5.71
N GLY B 64 -40.26 -5.89 5.88
CA GLY B 64 -40.11 -6.87 4.82
C GLY B 64 -38.63 -7.04 4.48
N ASN B 65 -38.43 -7.80 3.42
CA ASN B 65 -37.11 -8.13 2.92
C ASN B 65 -36.46 -6.88 2.32
N MET B 66 -35.29 -6.58 2.85
CA MET B 66 -34.54 -5.43 2.35
C MET B 66 -33.25 -5.91 1.68
N SER B 67 -33.02 -5.37 0.51
CA SER B 67 -31.87 -5.66 -0.30
C SER B 67 -31.40 -4.41 -1.03
N ILE B 68 -30.09 -4.24 -1.06
CA ILE B 68 -29.53 -3.05 -1.71
C ILE B 68 -28.56 -3.43 -2.81
N ASN B 69 -28.75 -2.87 -4.00
CA ASN B 69 -27.78 -3.08 -5.07
C ASN B 69 -26.96 -1.78 -5.10
N TYR B 70 -25.63 -1.88 -5.18
CA TYR B 70 -24.85 -0.65 -5.14
C TYR B 70 -23.55 -0.82 -5.91
N GLY B 71 -22.97 0.34 -6.11
CA GLY B 71 -21.65 0.47 -6.71
C GLY B 71 -21.10 1.85 -6.35
N ALA B 72 -19.82 1.86 -6.02
CA ALA B 72 -19.15 3.08 -5.68
C ALA B 72 -17.66 3.06 -6.01
N ASN B 73 -17.22 4.27 -6.32
CA ASN B 73 -15.79 4.53 -6.51
C ASN B 73 -15.42 5.08 -5.13
N PHE B 74 -14.64 4.32 -4.39
CA PHE B 74 -14.33 4.70 -3.00
C PHE B 74 -12.87 4.98 -2.81
N GLN B 75 -12.58 6.26 -2.51
CA GLN B 75 -11.22 6.73 -2.28
C GLN B 75 -10.92 7.40 -0.97
N PRO B 76 -10.86 6.60 0.09
CA PRO B 76 -10.50 7.12 1.40
C PRO B 76 -9.00 7.42 1.42
N ASN B 77 -8.65 8.46 2.15
CA ASN B 77 -7.23 8.81 2.32
C ASN B 77 -7.07 8.60 3.84
N GLY B 78 -7.28 7.37 4.25
CA GLY B 78 -7.24 7.10 5.68
C GLY B 78 -8.46 6.27 6.06
N ASN B 79 -8.89 6.45 7.28
CA ASN B 79 -9.99 5.73 7.88
C ASN B 79 -11.34 6.12 7.32
N ALA B 80 -12.05 5.15 6.75
CA ALA B 80 -13.42 5.37 6.27
C ALA B 80 -14.06 4.03 5.98
N TYR B 81 -15.38 4.02 5.94
CA TYR B 81 -16.18 2.85 5.66
C TYR B 81 -17.16 3.06 4.52
N LEU B 82 -17.35 2.01 3.74
CA LEU B 82 -18.34 1.95 2.68
C LEU B 82 -19.30 0.86 3.18
N CYS B 83 -20.53 1.23 3.48
CA CYS B 83 -21.41 0.28 4.19
C CYS B 83 -22.88 0.60 4.01
N VAL B 84 -23.68 -0.34 4.54
CA VAL B 84 -25.11 -0.14 4.72
C VAL B 84 -25.14 0.21 6.22
N TYR B 85 -25.90 1.24 6.55
CA TYR B 85 -25.95 1.71 7.90
C TYR B 85 -27.36 2.11 8.27
N GLY B 86 -27.59 2.10 9.58
CA GLY B 86 -28.91 2.55 10.02
C GLY B 86 -29.09 2.43 11.52
N TRP B 87 -30.35 2.52 11.94
CA TRP B 87 -30.74 2.49 13.32
C TRP B 87 -32.09 1.80 13.53
N THR B 88 -32.24 1.32 14.75
CA THR B 88 -33.48 0.85 15.30
C THR B 88 -33.68 1.64 16.63
N VAL B 89 -34.92 1.66 17.07
CA VAL B 89 -35.35 2.21 18.34
C VAL B 89 -36.08 1.13 19.16
N ASP B 90 -35.78 1.17 20.48
CA ASP B 90 -36.34 0.24 21.47
C ASP B 90 -36.04 -1.22 21.17
N PRO B 91 -34.79 -1.61 21.24
CA PRO B 91 -33.69 -0.80 21.67
C PRO B 91 -32.99 0.10 20.67
N LEU B 92 -32.37 1.14 21.18
CA LEU B 92 -31.65 2.10 20.34
C LEU B 92 -30.36 1.41 19.87
N VAL B 93 -30.25 1.17 18.56
CA VAL B 93 -29.10 0.44 18.04
C VAL B 93 -28.63 1.13 16.76
N GLU B 94 -27.35 1.33 16.65
CA GLU B 94 -26.70 1.84 15.45
C GLU B 94 -26.12 0.62 14.73
N TYR B 95 -26.40 0.39 13.44
CA TYR B 95 -25.82 -0.81 12.83
C TYR B 95 -25.05 -0.54 11.56
N TYR B 96 -24.16 -1.46 11.23
CA TYR B 96 -23.31 -1.43 10.06
C TYR B 96 -23.12 -2.77 9.35
N ILE B 97 -23.15 -2.76 8.03
CA ILE B 97 -22.82 -3.85 7.15
C ILE B 97 -21.71 -3.28 6.24
N VAL B 98 -20.48 -3.58 6.60
CA VAL B 98 -19.30 -2.98 5.97
C VAL B 98 -18.70 -3.84 4.87
N ASP B 99 -18.65 -3.28 3.65
CA ASP B 99 -18.09 -3.99 2.49
C ASP B 99 -16.69 -3.51 2.15
N SER B 100 -16.35 -2.26 2.46
CA SER B 100 -15.01 -1.78 2.22
C SER B 100 -14.60 -0.76 3.27
N TRP B 101 -13.30 -0.56 3.42
CA TRP B 101 -12.80 0.37 4.43
C TRP B 101 -11.47 0.94 3.93
N GLY B 102 -10.90 1.86 4.68
CA GLY B 102 -9.63 2.47 4.25
C GLY B 102 -8.45 1.73 4.86
N ASN B 103 -7.75 2.35 5.81
CA ASN B 103 -6.58 1.69 6.37
C ASN B 103 -6.97 0.75 7.51
N TRP B 104 -8.10 0.93 8.17
CA TRP B 104 -8.43 0.03 9.28
C TRP B 104 -9.75 -0.68 9.13
N ARG B 105 -9.74 -2.00 9.29
CA ARG B 105 -10.96 -2.81 9.21
C ARG B 105 -11.65 -2.71 10.56
N PRO B 106 -12.88 -2.26 10.60
CA PRO B 106 -13.56 -2.10 11.88
C PRO B 106 -14.12 -3.40 12.38
N PRO B 107 -14.60 -3.43 13.61
CA PRO B 107 -14.59 -2.33 14.54
C PRO B 107 -13.59 -2.49 15.69
N GLY B 108 -12.62 -3.39 15.58
CA GLY B 108 -11.62 -3.59 16.58
C GLY B 108 -12.02 -4.39 17.80
N ALA B 109 -13.05 -5.21 17.75
CA ALA B 109 -13.54 -6.01 18.85
C ALA B 109 -13.40 -7.50 18.53
N THR B 110 -13.84 -8.38 19.41
CA THR B 110 -13.83 -9.81 19.17
C THR B 110 -15.15 -10.20 18.52
N PRO B 111 -15.04 -10.96 17.44
CA PRO B 111 -16.23 -11.41 16.71
C PRO B 111 -17.07 -12.36 17.53
N LYS B 112 -18.37 -12.30 17.37
CA LYS B 112 -19.29 -13.19 18.05
C LYS B 112 -19.84 -14.26 17.09
N GLY B 113 -19.52 -14.11 15.81
CA GLY B 113 -20.02 -15.13 14.87
C GLY B 113 -19.75 -14.68 13.45
N THR B 114 -20.26 -15.46 12.50
CA THR B 114 -20.05 -15.18 11.09
C THR B 114 -21.33 -15.43 10.29
N ILE B 115 -21.42 -14.69 9.20
CA ILE B 115 -22.47 -14.94 8.21
C ILE B 115 -21.82 -14.97 6.83
N THR B 116 -22.14 -16.01 6.08
CA THR B 116 -21.71 -16.16 4.71
C THR B 116 -22.90 -15.68 3.87
N VAL B 117 -22.63 -14.66 3.09
CA VAL B 117 -23.70 -14.02 2.32
C VAL B 117 -23.13 -13.15 1.23
N ASP B 118 -23.88 -13.07 0.13
CA ASP B 118 -23.53 -12.25 -1.02
C ASP B 118 -22.11 -12.47 -1.47
N GLY B 119 -21.73 -13.76 -1.60
CA GLY B 119 -20.41 -14.11 -2.07
C GLY B 119 -19.28 -13.84 -1.11
N GLY B 120 -19.57 -13.50 0.15
CA GLY B 120 -18.47 -13.18 1.05
C GLY B 120 -18.74 -13.75 2.45
N THR B 121 -17.72 -13.61 3.27
CA THR B 121 -17.77 -13.99 4.68
C THR B 121 -17.62 -12.74 5.53
N TYR B 122 -18.55 -12.53 6.44
CA TYR B 122 -18.61 -11.42 7.35
C TYR B 122 -18.48 -11.89 8.81
N ASP B 123 -17.60 -11.24 9.56
CA ASP B 123 -17.48 -11.41 10.99
C ASP B 123 -18.53 -10.50 11.62
N ILE B 124 -19.23 -10.99 12.62
CA ILE B 124 -20.27 -10.25 13.31
C ILE B 124 -19.76 -9.82 14.69
N TYR B 125 -19.97 -8.54 15.01
CA TYR B 125 -19.51 -7.91 16.25
C TYR B 125 -20.59 -7.05 16.90
N GLU B 126 -20.44 -6.83 18.21
CA GLU B 126 -21.37 -5.99 18.94
C GLU B 126 -20.53 -5.09 19.84
N THR B 127 -20.68 -3.79 19.69
CA THR B 127 -19.94 -2.85 20.54
C THR B 127 -20.96 -1.95 21.24
N LEU B 128 -20.47 -1.00 22.03
CA LEU B 128 -21.35 -0.11 22.78
C LEU B 128 -20.82 1.32 22.73
N ARG B 129 -21.72 2.27 22.58
CA ARG B 129 -21.35 3.68 22.56
C ARG B 129 -22.03 4.30 23.80
N VAL B 130 -21.28 4.98 24.66
CA VAL B 130 -21.91 5.52 25.86
C VAL B 130 -22.02 7.02 25.82
N ASN B 131 -23.22 7.56 25.94
CA ASN B 131 -23.44 9.00 26.00
C ASN B 131 -22.79 9.66 24.80
N GLN B 132 -23.16 9.23 23.59
CA GLN B 132 -22.62 9.78 22.36
C GLN B 132 -23.75 10.28 21.48
N PRO B 133 -23.40 11.03 20.42
CA PRO B 133 -24.39 11.55 19.49
C PRO B 133 -25.21 10.39 18.93
N SER B 134 -26.48 10.65 18.72
CA SER B 134 -27.38 9.65 18.21
C SER B 134 -28.58 10.28 17.56
N ILE B 135 -29.44 9.48 16.92
CA ILE B 135 -30.69 9.99 16.38
C ILE B 135 -31.65 10.47 17.46
N LYS B 136 -31.43 10.17 18.74
CA LYS B 136 -32.30 10.62 19.81
C LYS B 136 -31.54 11.56 20.74
N GLY B 137 -30.57 12.31 20.22
CA GLY B 137 -29.72 13.18 21.02
C GLY B 137 -28.59 12.40 21.65
N ILE B 138 -27.95 12.98 22.66
CA ILE B 138 -26.83 12.32 23.32
C ILE B 138 -27.42 11.09 24.00
N ALA B 139 -26.91 9.91 23.71
CA ALA B 139 -27.49 8.71 24.32
C ALA B 139 -26.50 7.54 24.27
N THR B 140 -26.96 6.47 24.94
CA THR B 140 -26.16 5.24 25.01
C THR B 140 -26.78 4.23 24.09
N PHE B 141 -25.98 3.56 23.24
CA PHE B 141 -26.60 2.61 22.32
C PHE B 141 -25.63 1.52 21.89
N LYS B 142 -26.19 0.38 21.55
CA LYS B 142 -25.34 -0.70 21.05
C LYS B 142 -25.02 -0.43 19.58
N GLN B 143 -23.95 -1.02 19.10
CA GLN B 143 -23.60 -0.98 17.70
C GLN B 143 -23.49 -2.43 17.21
N TYR B 144 -24.25 -2.78 16.19
CA TYR B 144 -24.20 -4.12 15.60
C TYR B 144 -23.46 -4.04 14.25
N TRP B 145 -22.52 -4.96 14.03
CA TRP B 145 -21.71 -4.99 12.85
C TRP B 145 -21.61 -6.33 12.12
N SER B 146 -21.60 -6.25 10.80
CA SER B 146 -21.22 -7.29 9.88
C SER B 146 -20.08 -6.69 9.07
N VAL B 147 -18.90 -7.25 9.07
CA VAL B 147 -17.75 -6.72 8.36
C VAL B 147 -17.15 -7.80 7.48
N ARG B 148 -17.12 -7.50 6.19
CA ARG B 148 -16.62 -8.40 5.17
C ARG B 148 -15.15 -8.69 5.39
N ARG B 149 -14.75 -9.92 5.05
CA ARG B 149 -13.34 -10.30 5.26
C ARG B 149 -12.44 -9.73 4.18
N SER B 150 -12.98 -9.49 2.99
CA SER B 150 -12.22 -8.85 1.94
C SER B 150 -13.05 -7.70 1.39
N LYS B 151 -12.38 -6.63 0.98
CA LYS B 151 -13.07 -5.44 0.48
C LYS B 151 -13.72 -5.64 -0.87
N ARG B 152 -14.82 -4.94 -1.10
CA ARG B 152 -15.48 -4.87 -2.39
C ARG B 152 -16.26 -3.53 -2.39
N THR B 153 -16.47 -3.02 -3.60
CA THR B 153 -17.17 -1.74 -3.71
C THR B 153 -18.34 -1.77 -4.68
N SER B 154 -18.91 -2.96 -4.92
CA SER B 154 -20.12 -3.06 -5.73
C SER B 154 -20.71 -4.45 -5.53
N GLY B 155 -22.02 -4.55 -5.75
CA GLY B 155 -22.66 -5.85 -5.62
C GLY B 155 -23.99 -5.66 -4.89
N THR B 156 -24.48 -6.77 -4.35
CA THR B 156 -25.76 -6.74 -3.65
C THR B 156 -25.53 -7.02 -2.17
N ILE B 157 -26.21 -6.25 -1.35
CA ILE B 157 -26.18 -6.48 0.09
C ILE B 157 -27.58 -6.90 0.53
N SER B 158 -27.67 -8.16 0.95
CA SER B 158 -28.90 -8.77 1.44
C SER B 158 -29.06 -8.38 2.90
N VAL B 159 -29.52 -7.15 3.11
CA VAL B 159 -29.62 -6.56 4.44
C VAL B 159 -30.35 -7.45 5.44
N SER B 160 -31.53 -7.95 5.10
CA SER B 160 -32.33 -8.76 5.99
C SER B 160 -31.64 -10.04 6.40
N ASN B 161 -30.75 -10.59 5.59
CA ASN B 161 -30.00 -11.77 5.98
C ASN B 161 -29.15 -11.44 7.20
N HIS B 162 -28.46 -10.29 7.15
CA HIS B 162 -27.64 -9.83 8.26
C HIS B 162 -28.50 -9.63 9.51
N PHE B 163 -29.63 -8.97 9.35
CA PHE B 163 -30.52 -8.76 10.49
C PHE B 163 -30.90 -10.08 11.13
N ARG B 164 -31.30 -11.05 10.29
CA ARG B 164 -31.63 -12.37 10.86
C ARG B 164 -30.43 -13.01 11.53
N ALA B 165 -29.22 -12.90 10.98
CA ALA B 165 -28.03 -13.46 11.58
C ALA B 165 -27.75 -12.81 12.94
N TRP B 166 -27.87 -11.50 13.03
CA TRP B 166 -27.66 -10.82 14.31
C TRP B 166 -28.64 -11.31 15.37
N GLU B 167 -29.92 -11.37 14.98
CA GLU B 167 -30.96 -11.82 15.92
C GLU B 167 -30.72 -13.28 16.28
N ASN B 168 -30.26 -14.11 15.35
CA ASN B 168 -29.93 -15.50 15.74
C ASN B 168 -28.87 -15.52 16.83
N LEU B 169 -27.89 -14.62 16.84
CA LEU B 169 -26.85 -14.51 17.84
C LEU B 169 -27.20 -13.72 19.09
N GLY B 170 -28.45 -13.39 19.34
CA GLY B 170 -28.85 -12.65 20.51
C GLY B 170 -28.77 -11.13 20.35
N MET B 171 -28.44 -10.64 19.14
CA MET B 171 -28.38 -9.18 18.98
C MET B 171 -29.75 -8.72 18.54
N ASN B 172 -30.65 -8.50 19.50
CA ASN B 172 -32.03 -8.10 19.21
C ASN B 172 -32.14 -6.73 18.60
N MET B 173 -33.00 -6.61 17.59
CA MET B 173 -33.23 -5.34 16.90
C MET B 173 -34.54 -4.72 17.32
N GLY B 174 -34.56 -3.40 17.40
CA GLY B 174 -35.79 -2.70 17.70
C GLY B 174 -36.59 -2.38 16.45
N LYS B 175 -37.41 -1.33 16.56
CA LYS B 175 -38.23 -0.88 15.45
C LYS B 175 -37.31 -0.08 14.51
N MET B 176 -37.53 -0.28 13.23
CA MET B 176 -36.75 0.32 12.17
C MET B 176 -36.93 1.84 12.13
N TYR B 177 -35.79 2.51 12.12
CA TYR B 177 -35.67 3.94 11.98
C TYR B 177 -35.06 4.27 10.62
N GLU B 178 -34.10 3.46 10.16
CA GLU B 178 -33.45 3.72 8.88
C GLU B 178 -32.57 2.57 8.38
N VAL B 179 -32.40 2.58 7.07
CA VAL B 179 -31.47 1.69 6.36
C VAL B 179 -30.90 2.53 5.20
N ALA B 180 -29.60 2.57 5.01
CA ALA B 180 -29.05 3.41 3.95
C ALA B 180 -27.61 3.11 3.56
N LEU B 181 -27.36 3.27 2.26
CA LEU B 181 -26.03 3.11 1.70
C LEU B 181 -25.27 4.34 2.22
N THR B 182 -24.19 4.05 2.92
CA THR B 182 -23.48 5.10 3.68
C THR B 182 -22.00 5.15 3.46
N VAL B 183 -21.45 6.37 3.51
CA VAL B 183 -20.02 6.60 3.44
C VAL B 183 -19.63 7.35 4.73
N GLU B 184 -18.75 6.75 5.51
CA GLU B 184 -18.34 7.32 6.80
C GLU B 184 -16.83 7.62 6.75
N GLY B 185 -16.45 8.74 7.32
CA GLY B 185 -15.06 9.16 7.42
C GLY B 185 -14.79 9.39 8.91
N TYR B 186 -13.60 8.98 9.32
CA TYR B 186 -13.19 9.18 10.71
C TYR B 186 -11.73 9.64 10.75
N GLN B 187 -11.48 10.84 11.23
CA GLN B 187 -10.12 11.38 11.29
C GLN B 187 -9.35 11.16 10.00
N SER B 188 -9.93 11.68 8.91
CA SER B 188 -9.39 11.53 7.60
C SER B 188 -9.99 12.56 6.65
N SER B 189 -9.56 12.40 5.40
CA SER B 189 -9.99 13.13 4.23
C SER B 189 -10.17 12.03 3.16
N GLY B 190 -10.98 12.33 2.16
CA GLY B 190 -11.22 11.44 1.06
C GLY B 190 -12.40 11.82 0.20
N SER B 191 -12.75 10.89 -0.68
CA SER B 191 -13.91 11.06 -1.56
C SER B 191 -14.50 9.69 -1.92
N ALA B 192 -15.72 9.73 -2.39
CA ALA B 192 -16.44 8.53 -2.78
C ALA B 192 -17.52 8.97 -3.76
N ASN B 193 -17.80 8.15 -4.73
CA ASN B 193 -18.85 8.44 -5.68
C ASN B 193 -19.75 7.20 -5.73
N VAL B 194 -20.90 7.30 -5.12
CA VAL B 194 -21.87 6.20 -5.11
C VAL B 194 -22.64 6.36 -6.42
N TYR B 195 -22.25 5.61 -7.43
CA TYR B 195 -22.87 5.73 -8.74
C TYR B 195 -24.05 4.81 -8.93
N SER B 196 -24.27 3.96 -7.95
CA SER B 196 -25.38 3.03 -7.96
C SER B 196 -25.81 2.69 -6.55
N ASN B 197 -27.11 2.80 -6.30
CA ASN B 197 -27.68 2.58 -5.00
C ASN B 197 -29.20 2.46 -5.14
N THR B 198 -29.67 1.23 -5.16
CA THR B 198 -31.07 0.93 -5.22
C THR B 198 -31.49 0.07 -4.04
N LEU B 199 -32.44 0.57 -3.29
CA LEU B 199 -32.97 -0.14 -2.15
C LEU B 199 -34.32 -0.74 -2.60
N ARG B 200 -34.43 -2.03 -2.41
CA ARG B 200 -35.64 -2.76 -2.68
C ARG B 200 -36.25 -3.31 -1.39
N ILE B 201 -37.55 -3.04 -1.23
CA ILE B 201 -38.28 -3.59 -0.06
C ILE B 201 -39.31 -4.57 -0.64
N ASN B 202 -39.21 -5.85 -0.29
CA ASN B 202 -40.06 -6.87 -0.87
C ASN B 202 -39.96 -6.89 -2.40
N GLY B 203 -38.79 -6.69 -2.96
CA GLY B 203 -38.47 -6.62 -4.35
C GLY B 203 -38.84 -5.30 -5.00
N ASN B 204 -39.51 -4.39 -4.33
CA ASN B 204 -39.92 -3.11 -4.88
C ASN B 204 -38.90 -2.01 -4.57
N PRO B 205 -38.36 -1.42 -5.61
CA PRO B 205 -37.40 -0.33 -5.46
C PRO B 205 -38.07 0.91 -4.87
N LEU B 206 -37.29 1.66 -4.11
CA LEU B 206 -37.81 2.91 -3.52
C LEU B 206 -38.20 3.85 -4.64
N SER B 207 -39.30 4.60 -4.53
CA SER B 207 -39.67 5.51 -5.62
C SER B 207 -40.15 6.89 -5.17
C1 X2F C . 24.38 1.15 1.19
C2 X2F C . 24.29 1.68 2.61
C3 X2F C . 23.23 2.77 2.68
C4 X2F C . 23.38 3.76 1.51
C5 X2F C . 24.60 3.47 0.59
O3 X2F C . 23.25 3.32 3.99
O4 X2F C . 22.21 3.68 0.70
O5 X2F C . 24.51 2.13 0.20
F2 X2F C . 23.91 0.67 3.49
C1 XYP C . 21.66 4.89 0.24
C2 XYP C . 20.89 4.64 -1.07
C3 XYP C . 20.18 5.94 -1.49
C4 XYP C . 19.27 6.37 -0.31
C5 XYP C . 20.21 6.60 0.93
O2 XYP C . 21.79 4.23 -2.11
O3 XYP C . 19.34 5.68 -2.61
O4 XYP C . 18.73 7.63 -0.70
O5 XYP C . 20.75 5.32 1.21
C1 X2F D . -22.35 6.20 14.50
C2 X2F D . -22.10 6.84 15.87
C3 X2F D . -23.10 7.90 16.22
C4 X2F D . -23.19 8.87 15.02
C5 X2F D . -22.31 8.51 13.84
O3 X2F D . -22.59 8.58 17.39
O4 X2F D . -24.52 8.85 14.58
O5 X2F D . -22.44 7.16 13.48
F2 X2F D . -22.05 5.88 16.87
C1 XYP D . -25.14 10.08 14.32
C2 XYP D . -26.22 9.87 13.27
C3 XYP D . -27.00 11.17 13.07
C4 XYP D . -27.46 11.73 14.44
C5 XYP D . -26.24 11.89 15.35
O2 XYP D . -25.69 9.43 12.01
O3 XYP D . -28.09 10.90 12.21
O4 XYP D . -28.13 12.93 14.13
O5 XYP D . -25.70 10.59 15.53
#